data_4CA0
#
_entry.id   4CA0
#
_cell.length_a   47.180
_cell.length_b   47.180
_cell.length_c   116.500
_cell.angle_alpha   90.00
_cell.angle_beta   90.00
_cell.angle_gamma   120.00
#
_symmetry.space_group_name_H-M   'P 32'
#
loop_
_entity.id
_entity.type
_entity.pdbx_description
1 polymer 'SPINDLE AND KINETOCHORE-ASSOCIATED PROTEIN 1'
2 water water
#
_entity_poly.entity_id   1
_entity_poly.type   'polypeptide(L)'
_entity_poly.pdbx_seq_one_letter_code
;MSIKEMPFITCDEFNGVPSYMKSRLTYNQINDVIKEINKAVISKYKILHQPKKSMNSVTRNLYHRFIDEETKDTKGRYFI
VEADIKEFTTLKADKKFHVLLNILRHCRRLSEVRGGGLTRYVIT
;
_entity_poly.pdbx_strand_id   A,B
#
# COMPACT_ATOMS: atom_id res chain seq x y z
N MET A 1 -7.33 16.69 24.08
CA MET A 1 -8.01 16.85 22.79
C MET A 1 -8.70 15.57 22.34
N SER A 2 -9.92 15.71 21.82
CA SER A 2 -10.64 14.57 21.28
C SER A 2 -10.13 14.19 19.89
N ILE A 3 -10.00 12.90 19.62
CA ILE A 3 -9.68 12.44 18.28
C ILE A 3 -10.71 11.43 17.83
N LYS A 4 -11.23 11.61 16.61
CA LYS A 4 -12.18 10.68 16.04
C LYS A 4 -11.60 9.26 16.04
N GLU A 5 -12.47 8.27 16.25
CA GLU A 5 -12.09 6.87 16.24
C GLU A 5 -13.11 6.06 15.45
N MET A 6 -12.66 5.03 14.79
CA MET A 6 -13.55 4.11 14.08
C MET A 6 -14.09 3.08 15.08
N PRO A 7 -15.43 2.99 15.21
CA PRO A 7 -16.08 2.01 16.10
C PRO A 7 -15.87 0.55 15.63
N PHE A 8 -15.91 -0.40 16.55
CA PHE A 8 -15.89 -1.82 16.18
C PHE A 8 -17.13 -2.08 15.30
N ILE A 9 -17.06 -3.05 14.39
CA ILE A 9 -18.28 -3.46 13.69
C ILE A 9 -19.09 -4.34 14.65
N THR A 10 -20.42 -4.29 14.53
CA THR A 10 -21.27 -5.07 15.42
C THR A 10 -21.47 -6.46 14.85
N CYS A 11 -21.96 -7.38 15.69
CA CYS A 11 -22.15 -8.75 15.24
C CYS A 11 -23.19 -8.81 14.12
N ASP A 12 -24.28 -8.09 14.29
CA ASP A 12 -25.29 -8.05 13.26
C ASP A 12 -24.72 -7.50 11.96
N GLU A 13 -23.92 -6.43 12.06
CA GLU A 13 -23.19 -5.87 10.90
C GLU A 13 -22.34 -6.96 10.26
N PHE A 14 -21.56 -7.66 11.09
CA PHE A 14 -20.71 -8.77 10.64
C PHE A 14 -21.55 -9.83 9.95
N ASN A 15 -22.68 -10.13 10.57
CA ASN A 15 -23.59 -11.15 10.06
C ASN A 15 -24.09 -10.79 8.67
N GLY A 16 -24.37 -9.50 8.47
CA GLY A 16 -24.82 -9.00 7.19
C GLY A 16 -23.77 -8.87 6.11
N VAL A 17 -22.50 -8.83 6.50
CA VAL A 17 -21.41 -8.79 5.53
C VAL A 17 -21.52 -9.98 4.58
N PRO A 18 -21.38 -9.73 3.27
CA PRO A 18 -21.45 -10.84 2.30
C PRO A 18 -20.44 -11.92 2.61
N SER A 19 -20.91 -13.16 2.71
CA SER A 19 -20.12 -14.30 3.16
C SER A 19 -18.71 -14.38 2.54
N TYR A 20 -18.60 -14.07 1.26
CA TYR A 20 -17.31 -14.16 0.58
C TYR A 20 -16.30 -13.19 1.19
N MET A 21 -16.74 -11.95 1.47
CA MET A 21 -15.88 -10.96 2.09
C MET A 21 -15.32 -11.48 3.40
N LYS A 22 -16.18 -12.11 4.19
CA LYS A 22 -15.80 -12.69 5.48
C LYS A 22 -14.76 -13.82 5.39
N SER A 23 -15.05 -14.84 4.58
CA SER A 23 -14.04 -15.86 4.22
C SER A 23 -13.28 -16.50 5.38
N ARG A 24 -12.03 -16.07 5.58
CA ARG A 24 -11.20 -16.58 6.67
C ARG A 24 -11.47 -15.83 7.96
N LEU A 25 -11.80 -14.55 7.82
CA LEU A 25 -11.92 -13.65 8.96
C LEU A 25 -12.97 -14.08 9.95
N THR A 26 -12.60 -14.03 11.24
CA THR A 26 -13.58 -14.15 12.29
C THR A 26 -14.02 -12.76 12.69
N TYR A 27 -15.07 -12.70 13.50
CA TYR A 27 -15.56 -11.44 14.01
C TYR A 27 -14.50 -10.63 14.77
N ASN A 28 -13.83 -11.31 15.70
CA ASN A 28 -12.83 -10.67 16.55
C ASN A 28 -11.59 -10.15 15.81
N GLN A 29 -11.17 -10.85 14.76
CA GLN A 29 -10.00 -10.47 13.98
C GLN A 29 -10.19 -9.12 13.32
N ILE A 30 -11.40 -8.88 12.85
CA ILE A 30 -11.75 -7.64 12.22
C ILE A 30 -11.65 -6.49 13.19
N ASN A 31 -12.29 -6.64 14.35
CA ASN A 31 -12.23 -5.58 15.35
C ASN A 31 -10.85 -5.47 15.98
N ASP A 32 -10.06 -6.53 15.91
CA ASP A 32 -8.67 -6.49 16.32
C ASP A 32 -7.90 -5.53 15.42
N VAL A 33 -8.25 -5.55 14.13
CA VAL A 33 -7.61 -4.71 13.14
C VAL A 33 -8.10 -3.27 13.23
N ILE A 34 -9.39 -3.09 13.47
CA ILE A 34 -9.94 -1.77 13.77
C ILE A 34 -9.17 -1.12 14.94
N LYS A 35 -8.98 -1.90 16.01
CA LYS A 35 -8.22 -1.44 17.17
C LYS A 35 -6.84 -0.89 16.81
N GLU A 36 -6.12 -1.61 15.94
CA GLU A 36 -4.82 -1.17 15.52
C GLU A 36 -4.91 0.10 14.65
N ILE A 37 -5.97 0.21 13.84
CA ILE A 37 -6.10 1.38 12.96
C ILE A 37 -6.33 2.66 13.78
N ASN A 38 -7.25 2.56 14.73
CA ASN A 38 -7.50 3.65 15.67
C ASN A 38 -6.20 4.04 16.36
N LYS A 39 -5.41 3.05 16.73
CA LYS A 39 -4.11 3.31 17.33
C LYS A 39 -3.23 4.13 16.39
N ALA A 40 -3.32 3.86 15.09
CA ALA A 40 -2.52 4.56 14.11
C ALA A 40 -3.06 5.99 13.93
N VAL A 41 -4.38 6.14 13.94
CA VAL A 41 -5.03 7.43 13.82
C VAL A 41 -4.71 8.32 15.01
N ILE A 42 -4.90 7.76 16.21
CA ILE A 42 -4.58 8.42 17.46
C ILE A 42 -3.15 8.94 17.46
N SER A 43 -2.21 8.06 17.11
CA SER A 43 -0.80 8.42 17.14
C SER A 43 -0.50 9.57 16.18
N LYS A 44 -1.16 9.58 15.02
CA LYS A 44 -0.90 10.59 14.01
C LYS A 44 -1.38 11.96 14.46
N TYR A 45 -2.53 12.00 15.11
CA TYR A 45 -3.12 13.28 15.45
C TYR A 45 -2.60 13.87 16.76
N LYS A 46 -2.07 13.00 17.62
CA LYS A 46 -1.27 13.46 18.76
C LYS A 46 -0.03 14.21 18.25
N ILE A 47 0.60 13.67 17.21
CA ILE A 47 1.76 14.30 16.62
C ILE A 47 1.41 15.64 15.98
N LEU A 48 0.28 15.70 15.30
CA LEU A 48 -0.19 16.92 14.68
C LEU A 48 -0.51 17.98 15.74
N HIS A 49 -1.12 17.54 16.83
CA HIS A 49 -1.48 18.44 17.91
C HIS A 49 -0.32 18.66 18.87
N GLN A 50 0.83 18.04 18.57
CA GLN A 50 2.02 18.20 19.39
C GLN A 50 2.74 19.52 19.07
N PRO A 51 3.25 20.20 20.11
CA PRO A 51 4.09 21.41 19.92
C PRO A 51 5.59 21.10 19.81
N SER A 57 12.40 14.19 17.22
CA SER A 57 12.57 14.94 15.98
C SER A 57 12.23 14.09 14.76
N VAL A 58 12.54 12.79 14.83
CA VAL A 58 12.10 11.84 13.82
C VAL A 58 10.57 11.88 13.72
N THR A 59 9.96 12.18 14.86
CA THR A 59 8.53 12.47 14.94
C THR A 59 8.13 13.71 14.14
N ARG A 60 9.11 14.57 13.86
CA ARG A 60 8.79 15.87 13.31
C ARG A 60 9.02 15.95 11.78
N ASN A 61 9.57 14.88 11.22
CA ASN A 61 9.55 14.69 9.77
C ASN A 61 8.33 13.82 9.40
N LEU A 62 7.76 13.19 10.42
CA LEU A 62 6.48 12.52 10.28
C LEU A 62 5.41 13.58 10.10
N TYR A 63 5.48 14.61 10.96
CA TYR A 63 4.59 15.76 10.89
C TYR A 63 4.53 16.38 9.49
N HIS A 64 5.67 16.53 8.83
CA HIS A 64 5.67 17.16 7.52
C HIS A 64 5.11 16.26 6.43
N ARG A 65 5.37 14.96 6.54
CA ARG A 65 4.78 13.99 5.61
C ARG A 65 3.26 14.06 5.74
N PHE A 66 2.78 14.25 6.96
CA PHE A 66 1.34 14.32 7.21
C PHE A 66 0.73 15.51 6.49
N ILE A 67 1.32 16.67 6.75
CA ILE A 67 0.96 17.90 6.05
C ILE A 67 0.94 17.69 4.54
N ASP A 68 2.07 17.23 4.00
CA ASP A 68 2.25 17.00 2.56
C ASP A 68 1.12 16.18 1.94
N GLU A 69 0.59 15.22 2.69
CA GLU A 69 -0.47 14.33 2.21
C GLU A 69 -1.86 14.99 2.14
N GLU A 70 -2.04 16.11 2.83
CA GLU A 70 -3.32 16.83 2.84
C GLU A 70 -3.76 17.27 1.45
N THR A 71 -5.06 17.21 1.20
CA THR A 71 -5.62 17.41 -0.12
C THR A 71 -6.87 18.29 -0.04
N LYS A 72 -7.20 18.98 -1.13
CA LYS A 72 -8.49 19.62 -1.29
C LYS A 72 -9.64 18.71 -0.82
N ASP A 73 -9.59 17.44 -1.20
CA ASP A 73 -10.63 16.46 -0.88
C ASP A 73 -10.50 15.93 0.55
N THR A 74 -9.29 16.01 1.08
CA THR A 74 -8.98 15.49 2.41
C THR A 74 -9.45 16.45 3.52
N LYS A 75 -9.61 17.73 3.16
CA LYS A 75 -10.23 18.71 4.04
C LYS A 75 -9.71 18.71 5.48
N GLY A 76 -10.60 19.08 6.38
CA GLY A 76 -10.33 18.94 7.80
C GLY A 76 -10.73 17.55 8.28
N ARG A 77 -10.50 16.53 7.46
CA ARG A 77 -10.90 15.17 7.83
C ARG A 77 -9.78 14.36 8.46
N TYR A 78 -10.14 13.37 9.24
CA TYR A 78 -9.17 12.42 9.78
C TYR A 78 -8.82 11.38 8.73
N PHE A 79 -7.53 11.09 8.58
CA PHE A 79 -7.11 10.00 7.72
C PHE A 79 -5.74 9.46 8.06
N ILE A 80 -5.46 8.30 7.47
CA ILE A 80 -4.15 7.72 7.51
C ILE A 80 -3.84 7.14 6.14
N VAL A 81 -2.61 6.69 5.98
CA VAL A 81 -2.16 6.05 4.74
C VAL A 81 -1.53 4.72 5.13
N GLU A 82 -1.24 3.86 4.15
CA GLU A 82 -0.76 2.51 4.45
C GLU A 82 0.54 2.46 5.24
N ALA A 83 1.42 3.42 5.00
CA ALA A 83 2.66 3.54 5.75
C ALA A 83 2.44 3.76 7.24
N ASP A 84 1.29 4.31 7.60
CA ASP A 84 0.98 4.61 9.01
C ASP A 84 0.83 3.32 9.84
N ILE A 85 0.20 2.31 9.24
CA ILE A 85 0.06 0.99 9.85
C ILE A 85 1.41 0.48 10.31
N LYS A 86 2.30 0.30 9.34
CA LYS A 86 3.67 -0.12 9.60
C LYS A 86 4.34 0.77 10.65
N GLU A 87 4.01 2.05 10.64
CA GLU A 87 4.69 3.01 11.53
C GLU A 87 4.24 2.91 12.99
N PHE A 88 2.94 2.71 13.20
CA PHE A 88 2.37 2.82 14.54
C PHE A 88 1.80 1.54 15.16
N THR A 89 1.62 0.50 14.36
CA THR A 89 0.94 -0.70 14.84
C THR A 89 1.76 -1.96 14.54
N THR A 90 1.29 -3.12 15.00
CA THR A 90 1.97 -4.38 14.72
C THR A 90 1.39 -5.02 13.46
N LEU A 91 0.37 -4.39 12.91
CA LEU A 91 -0.22 -4.86 11.68
C LEU A 91 0.73 -4.74 10.50
N LYS A 92 0.56 -5.62 9.52
CA LYS A 92 1.23 -5.53 8.26
C LYS A 92 0.18 -5.02 7.29
N ALA A 93 0.52 -4.03 6.46
CA ALA A 93 -0.42 -3.49 5.49
C ALA A 93 -0.49 -4.37 4.24
N ASP A 94 -0.44 -5.69 4.44
CA ASP A 94 -0.36 -6.63 3.34
C ASP A 94 -1.72 -7.13 2.82
N LYS A 95 -1.74 -8.36 2.31
CA LYS A 95 -2.92 -8.85 1.58
C LYS A 95 -4.18 -9.04 2.43
N LYS A 96 -4.01 -9.46 3.69
CA LYS A 96 -5.17 -9.72 4.56
C LYS A 96 -5.69 -8.42 5.08
N PHE A 97 -4.77 -7.51 5.37
CA PHE A 97 -5.14 -6.15 5.76
C PHE A 97 -6.08 -5.61 4.70
N HIS A 98 -5.81 -5.91 3.45
CA HIS A 98 -6.62 -5.41 2.34
C HIS A 98 -7.98 -6.08 2.20
N VAL A 99 -8.04 -7.38 2.42
CA VAL A 99 -9.35 -8.03 2.53
C VAL A 99 -10.17 -7.36 3.62
N LEU A 100 -9.53 -7.17 4.75
CA LEU A 100 -10.13 -6.46 5.86
C LEU A 100 -10.66 -5.10 5.46
N LEU A 101 -9.85 -4.36 4.69
CA LEU A 101 -10.20 -3.03 4.19
C LEU A 101 -11.52 -3.07 3.45
N ASN A 102 -11.69 -4.08 2.62
CA ASN A 102 -12.94 -4.30 1.90
C ASN A 102 -14.12 -4.38 2.85
N ILE A 103 -13.90 -4.99 4.02
CA ILE A 103 -14.97 -5.08 5.01
C ILE A 103 -15.21 -3.70 5.63
N LEU A 104 -14.13 -3.04 6.03
CA LEU A 104 -14.25 -1.74 6.67
C LEU A 104 -15.00 -0.73 5.80
N ARG A 105 -14.67 -0.73 4.50
CA ARG A 105 -15.34 0.09 3.51
C ARG A 105 -16.80 -0.28 3.36
N HIS A 106 -17.05 -1.57 3.14
CA HIS A 106 -18.42 -2.06 3.04
C HIS A 106 -19.32 -1.58 4.18
N CYS A 107 -18.76 -1.54 5.39
CA CYS A 107 -19.53 -1.12 6.57
C CYS A 107 -19.47 0.39 6.79
N ARG A 108 -19.01 1.11 5.77
CA ARG A 108 -18.90 2.57 5.82
C ARG A 108 -18.09 3.06 7.02
N ARG A 109 -16.98 2.39 7.30
CA ARG A 109 -16.12 2.76 8.42
C ARG A 109 -14.99 3.66 7.94
N LEU A 110 -14.65 3.52 6.67
CA LEU A 110 -13.64 4.38 6.08
C LEU A 110 -13.89 4.49 4.59
N SER A 111 -13.19 5.42 3.95
CA SER A 111 -13.24 5.55 2.50
C SER A 111 -11.84 5.74 1.97
N GLU A 112 -11.66 5.40 0.70
CA GLU A 112 -10.37 5.53 0.01
C GLU A 112 -10.35 6.81 -0.78
N VAL A 113 -9.40 7.69 -0.46
CA VAL A 113 -9.19 8.91 -1.21
C VAL A 113 -7.87 8.83 -1.94
N ARG A 114 -7.90 9.12 -3.24
CA ARG A 114 -6.69 9.02 -4.05
C ARG A 114 -6.44 10.34 -4.74
N GLY A 115 -5.17 10.66 -4.99
CA GLY A 115 -4.78 11.90 -5.62
C GLY A 115 -3.34 12.25 -5.33
N GLY A 116 -2.58 12.58 -6.36
CA GLY A 116 -1.15 12.77 -6.19
C GLY A 116 -0.49 11.41 -6.09
N GLY A 117 -1.03 10.45 -6.82
CA GLY A 117 -0.55 9.08 -6.79
C GLY A 117 -0.45 8.49 -5.38
N LEU A 118 -1.43 8.80 -4.53
CA LEU A 118 -1.45 8.36 -3.13
C LEU A 118 -2.84 7.98 -2.58
N THR A 119 -2.97 6.77 -2.01
CA THR A 119 -4.22 6.34 -1.38
C THR A 119 -4.28 6.65 0.12
N ARG A 120 -5.26 7.48 0.49
CA ARG A 120 -5.45 7.88 1.87
C ARG A 120 -6.69 7.16 2.36
N TYR A 121 -6.67 6.72 3.62
CA TYR A 121 -7.84 6.08 4.25
C TYR A 121 -8.49 7.04 5.26
N VAL A 122 -9.62 7.61 4.85
CA VAL A 122 -10.34 8.60 5.64
C VAL A 122 -11.38 7.97 6.53
N ILE A 123 -11.32 8.31 7.82
CA ILE A 123 -12.22 7.75 8.83
C ILE A 123 -13.65 8.24 8.59
N THR A 124 -14.59 7.34 8.35
CA THR A 124 -15.96 7.76 8.04
C THR A 124 -16.63 8.34 9.28
N MET B 1 -12.86 -4.95 -4.63
CA MET B 1 -11.66 -5.50 -3.99
C MET B 1 -10.50 -4.51 -4.09
N SER B 2 -9.74 -4.34 -2.99
CA SER B 2 -8.66 -3.37 -2.96
C SER B 2 -7.26 -4.00 -3.07
N ILE B 3 -6.37 -3.33 -3.79
CA ILE B 3 -5.02 -3.84 -4.02
C ILE B 3 -4.00 -2.83 -3.53
N LYS B 4 -3.02 -3.29 -2.79
CA LYS B 4 -1.93 -2.43 -2.34
C LYS B 4 -1.25 -1.78 -3.57
N GLU B 5 -0.95 -0.49 -3.44
CA GLU B 5 -0.24 0.31 -4.42
C GLU B 5 0.98 0.94 -3.77
N MET B 6 2.00 1.19 -4.56
CA MET B 6 3.20 1.89 -4.13
C MET B 6 2.97 3.39 -4.29
N PRO B 7 3.07 4.16 -3.19
CA PRO B 7 2.91 5.63 -3.24
C PRO B 7 4.04 6.31 -4.03
N PHE B 8 3.78 7.50 -4.57
CA PHE B 8 4.82 8.30 -5.22
C PHE B 8 5.91 8.64 -4.20
N ILE B 9 7.13 8.88 -4.65
CA ILE B 9 8.10 9.48 -3.73
C ILE B 9 7.81 10.98 -3.64
N THR B 10 8.04 11.56 -2.48
CA THR B 10 7.75 12.96 -2.27
C THR B 10 8.94 13.81 -2.70
N CYS B 11 8.71 15.11 -2.84
CA CYS B 11 9.78 15.99 -3.28
C CYS B 11 10.91 16.02 -2.25
N ASP B 12 10.56 16.11 -0.99
CA ASP B 12 11.56 16.08 0.06
C ASP B 12 12.33 14.76 0.07
N GLU B 13 11.62 13.64 -0.13
CA GLU B 13 12.25 12.32 -0.24
C GLU B 13 13.23 12.31 -1.39
N PHE B 14 12.80 12.80 -2.55
CA PHE B 14 13.64 12.88 -3.74
C PHE B 14 14.86 13.76 -3.46
N ASN B 15 14.62 14.85 -2.74
CA ASN B 15 15.70 15.76 -2.38
C ASN B 15 16.75 15.06 -1.55
N GLY B 16 16.28 14.24 -0.62
CA GLY B 16 17.16 13.51 0.27
C GLY B 16 17.93 12.36 -0.36
N VAL B 17 17.45 11.84 -1.48
CA VAL B 17 18.14 10.75 -2.18
C VAL B 17 19.56 11.17 -2.54
N PRO B 18 20.55 10.30 -2.31
CA PRO B 18 21.93 10.60 -2.71
C PRO B 18 22.02 10.97 -4.19
N SER B 19 22.62 12.13 -4.45
CA SER B 19 22.69 12.71 -5.80
C SER B 19 23.12 11.73 -6.89
N TYR B 20 24.10 10.88 -6.58
CA TYR B 20 24.60 9.94 -7.56
C TYR B 20 23.52 8.96 -7.97
N MET B 21 22.64 8.59 -7.05
CA MET B 21 21.59 7.62 -7.35
C MET B 21 20.63 8.22 -8.36
N LYS B 22 20.20 9.45 -8.08
CA LYS B 22 19.36 10.22 -8.99
C LYS B 22 19.99 10.30 -10.38
N SER B 23 20.92 11.23 -10.56
CA SER B 23 21.77 11.28 -11.76
C SER B 23 21.04 11.60 -13.07
N ARG B 24 20.53 10.55 -13.72
CA ARG B 24 19.78 10.71 -14.95
C ARG B 24 18.40 11.25 -14.64
N LEU B 25 17.82 10.69 -13.58
CA LEU B 25 16.41 10.85 -13.31
C LEU B 25 16.02 12.27 -12.89
N THR B 26 14.81 12.63 -13.28
CA THR B 26 14.16 13.80 -12.71
C THR B 26 13.14 13.27 -11.73
N TYR B 27 12.49 14.18 -11.01
CA TYR B 27 11.50 13.78 -10.02
C TYR B 27 10.28 13.11 -10.68
N ASN B 28 9.78 13.75 -11.73
CA ASN B 28 8.60 13.25 -12.44
C ASN B 28 8.79 11.88 -13.11
N GLN B 29 10.00 11.61 -13.61
CA GLN B 29 10.30 10.36 -14.29
C GLN B 29 10.21 9.17 -13.33
N ILE B 30 10.68 9.38 -12.11
CA ILE B 30 10.64 8.36 -11.09
C ILE B 30 9.21 8.00 -10.75
N ASN B 31 8.39 9.00 -10.54
CA ASN B 31 7.00 8.74 -10.16
C ASN B 31 6.19 8.20 -11.33
N ASP B 32 6.61 8.56 -12.54
CA ASP B 32 6.05 7.96 -13.76
C ASP B 32 6.32 6.47 -13.82
N VAL B 33 7.51 6.07 -13.38
CA VAL B 33 7.85 4.65 -13.34
C VAL B 33 7.05 3.95 -12.25
N ILE B 34 6.89 4.62 -11.12
CA ILE B 34 6.06 4.10 -10.04
C ILE B 34 4.63 3.84 -10.54
N LYS B 35 4.09 4.79 -11.28
CA LYS B 35 2.76 4.64 -11.89
C LYS B 35 2.61 3.37 -12.72
N GLU B 36 3.65 3.04 -13.49
CA GLU B 36 3.62 1.89 -14.34
C GLU B 36 3.73 0.62 -13.50
N ILE B 37 4.52 0.67 -12.42
CA ILE B 37 4.68 -0.51 -11.58
C ILE B 37 3.36 -0.85 -10.89
N ASN B 38 2.69 0.21 -10.41
CA ASN B 38 1.37 0.06 -9.80
C ASN B 38 0.45 -0.60 -10.80
N LYS B 39 0.50 -0.14 -12.04
CA LYS B 39 -0.28 -0.78 -13.09
C LYS B 39 0.02 -2.29 -13.23
N ALA B 40 1.26 -2.67 -13.02
CA ALA B 40 1.66 -4.06 -13.15
C ALA B 40 1.13 -4.85 -11.94
N VAL B 41 1.15 -4.20 -10.78
CA VAL B 41 0.67 -4.82 -9.55
C VAL B 41 -0.85 -4.98 -9.60
N ILE B 42 -1.53 -3.92 -10.02
CA ILE B 42 -2.98 -3.93 -10.17
C ILE B 42 -3.41 -5.05 -11.12
N SER B 43 -2.81 -5.08 -12.31
CA SER B 43 -3.18 -6.06 -13.31
C SER B 43 -3.02 -7.48 -12.82
N LYS B 44 -1.91 -7.75 -12.10
CA LYS B 44 -1.61 -9.10 -11.65
C LYS B 44 -2.62 -9.55 -10.62
N TYR B 45 -2.95 -8.66 -9.70
CA TYR B 45 -3.79 -9.08 -8.60
C TYR B 45 -5.27 -9.09 -8.95
N LYS B 46 -5.65 -8.40 -10.02
CA LYS B 46 -6.98 -8.57 -10.60
C LYS B 46 -7.12 -9.97 -11.17
N ILE B 47 -6.04 -10.48 -11.76
CA ILE B 47 -6.04 -11.80 -12.37
C ILE B 47 -6.16 -12.89 -11.30
N LEU B 48 -5.43 -12.71 -10.20
CA LEU B 48 -5.49 -13.64 -9.10
C LEU B 48 -6.90 -13.71 -8.51
N HIS B 49 -7.58 -12.57 -8.53
CA HIS B 49 -8.94 -12.48 -8.00
C HIS B 49 -9.98 -12.84 -9.05
N GLN B 50 -9.55 -13.02 -10.29
CA GLN B 50 -10.48 -13.29 -11.39
C GLN B 50 -10.95 -14.74 -11.37
N PRO B 51 -12.26 -14.96 -11.61
CA PRO B 51 -12.80 -16.33 -11.66
C PRO B 51 -12.65 -17.01 -13.04
N SER B 57 -7.70 -17.07 -21.71
CA SER B 57 -7.00 -18.24 -21.19
C SER B 57 -5.50 -18.02 -21.17
N VAL B 58 -4.99 -17.28 -22.16
CA VAL B 58 -3.60 -16.83 -22.15
C VAL B 58 -3.36 -16.04 -20.86
N THR B 59 -4.41 -15.39 -20.39
CA THR B 59 -4.47 -14.78 -19.07
C THR B 59 -4.29 -15.82 -17.97
N ARG B 60 -4.71 -17.05 -18.24
CA ARG B 60 -4.88 -18.01 -17.16
C ARG B 60 -3.69 -18.98 -17.00
N ASN B 61 -2.72 -18.88 -17.89
CA ASN B 61 -1.41 -19.47 -17.67
C ASN B 61 -0.46 -18.44 -17.08
N LEU B 62 -0.94 -17.20 -17.01
CA LEU B 62 -0.25 -16.15 -16.30
C LEU B 62 -0.53 -16.36 -14.82
N TYR B 63 -1.77 -16.71 -14.52
CA TYR B 63 -2.20 -17.06 -13.16
C TYR B 63 -1.34 -18.18 -12.56
N HIS B 64 -0.99 -19.18 -13.37
CA HIS B 64 -0.21 -20.29 -12.83
C HIS B 64 1.25 -19.91 -12.61
N ARG B 65 1.75 -19.01 -13.46
CA ARG B 65 3.11 -18.51 -13.30
C ARG B 65 3.17 -17.71 -12.01
N PHE B 66 2.09 -17.01 -11.69
CA PHE B 66 2.02 -16.19 -10.48
C PHE B 66 2.11 -17.10 -9.25
N ILE B 67 1.24 -18.10 -9.24
CA ILE B 67 1.22 -19.10 -8.17
C ILE B 67 2.60 -19.74 -8.02
N ASP B 68 3.16 -20.21 -9.14
CA ASP B 68 4.47 -20.84 -9.17
C ASP B 68 5.56 -19.98 -8.54
N GLU B 69 5.41 -18.66 -8.64
CA GLU B 69 6.37 -17.70 -8.08
C GLU B 69 6.30 -17.55 -6.55
N GLU B 70 5.17 -17.97 -5.95
CA GLU B 70 4.95 -17.81 -4.52
C GLU B 70 5.98 -18.57 -3.69
N THR B 71 6.32 -18.00 -2.53
CA THR B 71 7.43 -18.49 -1.72
C THR B 71 7.08 -18.40 -0.24
N LYS B 72 7.69 -19.26 0.58
CA LYS B 72 7.68 -19.12 2.03
C LYS B 72 7.88 -17.65 2.46
N ASP B 73 8.90 -17.00 1.88
CA ASP B 73 9.27 -15.62 2.20
C ASP B 73 8.34 -14.61 1.52
N THR B 74 7.55 -15.08 0.57
CA THR B 74 6.66 -14.23 -0.20
C THR B 74 5.27 -14.15 0.45
N LYS B 75 4.94 -15.13 1.28
CA LYS B 75 3.76 -15.04 2.16
C LYS B 75 2.49 -14.58 1.47
N GLY B 76 1.71 -13.84 2.22
CA GLY B 76 0.56 -13.13 1.66
C GLY B 76 0.97 -11.71 1.28
N ARG B 77 2.16 -11.56 0.72
CA ARG B 77 2.62 -10.24 0.31
C ARG B 77 2.35 -9.98 -1.17
N TYR B 78 2.21 -8.71 -1.51
CA TYR B 78 2.12 -8.28 -2.90
C TYR B 78 3.52 -8.24 -3.49
N PHE B 79 3.68 -8.79 -4.70
CA PHE B 79 4.94 -8.68 -5.42
C PHE B 79 4.73 -8.76 -6.90
N ILE B 80 5.74 -8.36 -7.64
CA ILE B 80 5.81 -8.61 -9.05
C ILE B 80 7.22 -9.07 -9.37
N VAL B 81 7.40 -9.50 -10.61
CA VAL B 81 8.70 -9.89 -11.13
C VAL B 81 8.95 -9.07 -12.40
N GLU B 82 10.20 -9.08 -12.89
CA GLU B 82 10.58 -8.22 -14.04
C GLU B 82 9.80 -8.48 -15.31
N ALA B 83 9.40 -9.72 -15.50
CA ALA B 83 8.55 -10.10 -16.62
C ALA B 83 7.21 -9.38 -16.58
N ASP B 84 6.77 -8.96 -15.39
CA ASP B 84 5.47 -8.31 -15.25
C ASP B 84 5.49 -6.92 -15.87
N ILE B 85 6.62 -6.24 -15.76
CA ILE B 85 6.81 -4.93 -16.38
C ILE B 85 6.52 -5.00 -17.87
N LYS B 86 7.26 -5.88 -18.55
CA LYS B 86 7.07 -6.14 -19.97
C LYS B 86 5.63 -6.58 -20.27
N GLU B 87 5.05 -7.36 -19.37
CA GLU B 87 3.72 -7.91 -19.61
C GLU B 87 2.59 -6.88 -19.52
N PHE B 88 2.67 -6.01 -18.51
CA PHE B 88 1.56 -5.09 -18.23
C PHE B 88 1.80 -3.59 -18.45
N THR B 89 3.02 -3.18 -18.78
CA THR B 89 3.33 -1.76 -18.90
C THR B 89 4.08 -1.41 -20.18
N THR B 90 4.26 -0.11 -20.42
CA THR B 90 5.02 0.35 -21.58
C THR B 90 6.50 0.47 -21.26
N LEU B 91 6.82 0.24 -19.98
CA LEU B 91 8.19 0.23 -19.54
C LEU B 91 9.00 -0.95 -20.05
N LYS B 92 10.30 -0.72 -20.15
CA LYS B 92 11.27 -1.74 -20.42
C LYS B 92 11.96 -2.04 -19.10
N ALA B 93 12.16 -3.32 -18.79
CA ALA B 93 12.81 -3.70 -17.54
C ALA B 93 14.33 -3.66 -17.66
N ASP B 94 14.84 -2.62 -18.32
CA ASP B 94 16.26 -2.55 -18.67
C ASP B 94 17.14 -1.73 -17.72
N LYS B 95 18.25 -1.19 -18.22
CA LYS B 95 19.25 -0.58 -17.33
C LYS B 95 18.76 0.64 -16.52
N LYS B 96 17.85 1.43 -17.08
CA LYS B 96 17.34 2.64 -16.42
C LYS B 96 16.33 2.22 -15.40
N PHE B 97 15.50 1.25 -15.75
CA PHE B 97 14.55 0.67 -14.81
C PHE B 97 15.28 0.20 -13.56
N HIS B 98 16.49 -0.31 -13.75
CA HIS B 98 17.26 -0.81 -12.61
C HIS B 98 17.89 0.27 -11.74
N VAL B 99 18.35 1.35 -12.37
CA VAL B 99 18.78 2.52 -11.61
C VAL B 99 17.63 3.05 -10.79
N LEU B 100 16.47 3.09 -11.43
CA LEU B 100 15.25 3.47 -10.75
C LEU B 100 14.93 2.58 -9.56
N LEU B 101 15.12 1.27 -9.75
CA LEU B 101 14.87 0.25 -8.71
C LEU B 101 15.69 0.58 -7.47
N ASN B 102 16.94 0.98 -7.68
CA ASN B 102 17.80 1.42 -6.60
C ASN B 102 17.18 2.55 -5.80
N ILE B 103 16.44 3.41 -6.49
CA ILE B 103 15.81 4.53 -5.81
C ILE B 103 14.61 4.03 -5.03
N LEU B 104 13.77 3.24 -5.68
CA LEU B 104 12.57 2.74 -5.05
C LEU B 104 12.88 1.99 -3.74
N ARG B 105 13.94 1.18 -3.78
CA ARG B 105 14.42 0.45 -2.63
C ARG B 105 14.93 1.37 -1.56
N HIS B 106 15.82 2.28 -1.95
CA HIS B 106 16.33 3.28 -1.02
C HIS B 106 15.23 4.00 -0.25
N CYS B 107 14.10 4.25 -0.89
CA CYS B 107 12.99 4.94 -0.22
C CYS B 107 12.03 3.94 0.40
N ARG B 108 12.46 2.68 0.51
CA ARG B 108 11.68 1.61 1.14
C ARG B 108 10.30 1.44 0.51
N ARG B 109 10.26 1.48 -0.83
CA ARG B 109 9.01 1.33 -1.56
C ARG B 109 8.82 -0.12 -2.00
N LEU B 110 9.95 -0.82 -2.13
CA LEU B 110 9.94 -2.22 -2.48
C LEU B 110 11.21 -2.89 -1.98
N SER B 111 11.23 -4.21 -1.97
CA SER B 111 12.40 -4.98 -1.59
C SER B 111 12.54 -6.14 -2.55
N GLU B 112 13.77 -6.63 -2.71
CA GLU B 112 14.07 -7.76 -3.59
C GLU B 112 14.05 -9.06 -2.81
N VAL B 113 13.25 -10.01 -3.27
CA VAL B 113 13.23 -11.33 -2.68
C VAL B 113 13.72 -12.35 -3.69
N ARG B 114 14.74 -13.11 -3.31
CA ARG B 114 15.32 -14.08 -4.23
C ARG B 114 15.20 -15.49 -3.66
N GLY B 115 15.06 -16.47 -4.55
CA GLY B 115 14.88 -17.86 -4.17
C GLY B 115 14.28 -18.63 -5.32
N GLY B 116 14.80 -19.82 -5.57
CA GLY B 116 14.38 -20.58 -6.72
C GLY B 116 14.88 -19.92 -7.99
N GLY B 117 16.07 -19.34 -7.91
CA GLY B 117 16.69 -18.64 -9.03
C GLY B 117 15.81 -17.57 -9.64
N LEU B 118 15.01 -16.89 -8.80
CA LEU B 118 14.09 -15.83 -9.26
C LEU B 118 14.04 -14.57 -8.36
N THR B 119 14.15 -13.38 -8.96
CA THR B 119 14.01 -12.15 -8.19
C THR B 119 12.61 -11.52 -8.27
N ARG B 120 11.96 -11.44 -7.11
CA ARG B 120 10.62 -10.90 -6.99
C ARG B 120 10.73 -9.52 -6.38
N TYR B 121 9.86 -8.61 -6.79
CA TYR B 121 9.80 -7.26 -6.21
C TYR B 121 8.57 -7.10 -5.33
N VAL B 122 8.80 -7.12 -4.02
CA VAL B 122 7.74 -7.02 -3.04
C VAL B 122 7.43 -5.59 -2.66
N ILE B 123 6.17 -5.21 -2.84
CA ILE B 123 5.71 -3.87 -2.49
C ILE B 123 5.80 -3.66 -0.98
N THR B 124 6.57 -2.66 -0.54
CA THR B 124 6.68 -2.39 0.89
C THR B 124 5.36 -1.81 1.43
#